data_9HB2
#
_entry.id   9HB2
#
_cell.length_a   109.379
_cell.length_b   109.379
_cell.length_c   109.379
_cell.angle_alpha   90.00
_cell.angle_beta   90.00
_cell.angle_gamma   90.00
#
_symmetry.space_group_name_H-M   'P 21 3'
#
loop_
_entity.id
_entity.type
_entity.pdbx_description
1 polymer 'IgM protease'
2 water water
#
_entity_poly.entity_id   1
_entity_poly.type   'polypeptide(L)'
_entity_poly.pdbx_seq_one_letter_code
;QGPTSIWTKGVTPPTNFIEGTDGSHAPYIANQGWYDITKTFNGKDDLLSAAATAGNMLHWWFDQNKNQIEGYLTEHPEKQ
AIIFNGEQMFDVKEAISTKDRQLDSKLFEYFKEKAFPTLSARRRGVFPDHVIDMFINGYRLSLDNYDKTPVKEGNKDLRG
GIFDQVFTRGDQSKLLTNRYNLRTKTINEISQLIKQELIAGKALAISHTYNNIGISHVINLWGADFNSEGNLEAIYVTDS
DSNASIGMKKYYVGVNSAGEVAVSSKKIDSEHLGAAALGLYTLSAGQGIWH
;
_entity_poly.pdbx_strand_id   A
#
# COMPACT_ATOMS: atom_id res chain seq x y z
N GLN A 1 -24.52 -6.89 -18.56
CA GLN A 1 -23.70 -7.41 -19.71
C GLN A 1 -22.62 -6.38 -20.12
N GLY A 2 -22.42 -5.31 -19.34
CA GLY A 2 -21.34 -4.32 -19.52
C GLY A 2 -20.21 -4.46 -18.48
N PRO A 3 -18.94 -4.21 -18.89
CA PRO A 3 -17.76 -4.24 -18.01
C PRO A 3 -17.42 -2.98 -17.17
N THR A 4 -17.96 -2.90 -15.96
CA THR A 4 -17.89 -1.73 -15.04
C THR A 4 -16.52 -1.63 -14.35
N SER A 5 -16.19 -0.46 -13.88
CA SER A 5 -14.84 -0.16 -13.37
C SER A 5 -14.98 0.75 -12.16
N ILE A 6 -14.10 0.56 -11.18
CA ILE A 6 -14.14 1.29 -9.88
C ILE A 6 -12.72 1.64 -9.49
N TRP A 7 -12.52 2.90 -9.16
CA TRP A 7 -11.22 3.47 -8.77
C TRP A 7 -11.26 3.94 -7.32
N THR A 8 -10.11 3.83 -6.67
CA THR A 8 -9.90 4.38 -5.32
C THR A 8 -10.32 5.86 -5.26
N LYS A 9 -11.04 6.20 -4.19
CA LYS A 9 -11.46 7.57 -3.86
C LYS A 9 -10.26 8.51 -4.07
N GLY A 10 -10.45 9.52 -4.92
CA GLY A 10 -9.51 10.66 -5.07
C GLY A 10 -8.44 10.38 -6.09
N VAL A 11 -8.55 9.28 -6.82
CA VAL A 11 -7.60 8.87 -7.88
C VAL A 11 -8.24 9.10 -9.25
N THR A 12 -7.51 9.80 -10.12
CA THR A 12 -7.86 10.02 -11.53
C THR A 12 -7.27 8.86 -12.31
N PRO A 13 -8.12 8.05 -12.96
CA PRO A 13 -7.63 6.94 -13.77
C PRO A 13 -6.67 7.44 -14.84
N PRO A 14 -5.49 6.82 -14.97
CA PRO A 14 -4.62 7.15 -16.10
C PRO A 14 -5.23 6.59 -17.37
N THR A 15 -4.93 7.23 -18.49
CA THR A 15 -5.46 6.89 -19.84
C THR A 15 -4.30 6.73 -20.82
N ASN A 16 -3.07 7.09 -20.42
CA ASN A 16 -1.81 6.95 -21.22
C ASN A 16 -1.27 5.48 -21.25
N PHE A 17 -2.11 4.46 -21.35
CA PHE A 17 -1.66 3.05 -21.36
C PHE A 17 -0.96 2.72 -22.68
N ILE A 18 0.23 2.12 -22.62
CA ILE A 18 1.05 1.72 -23.80
C ILE A 18 1.41 0.25 -23.64
N GLU A 19 1.57 -0.47 -24.76
CA GLU A 19 2.00 -1.89 -24.76
C GLU A 19 3.47 -1.91 -24.34
N GLY A 20 3.84 -2.69 -23.33
CA GLY A 20 5.26 -2.86 -22.95
C GLY A 20 5.77 -4.25 -23.31
N THR A 21 6.95 -4.60 -22.81
CA THR A 21 7.57 -5.95 -23.00
C THR A 21 6.78 -7.02 -22.22
N ASP A 22 6.20 -6.72 -21.06
CA ASP A 22 5.22 -7.64 -20.42
C ASP A 22 4.00 -6.87 -19.92
N GLY A 23 3.06 -6.64 -20.83
CA GLY A 23 1.71 -6.15 -20.53
C GLY A 23 1.57 -4.64 -20.72
N SER A 24 0.41 -4.15 -20.34
CA SER A 24 0.01 -2.76 -20.62
C SER A 24 0.36 -1.92 -19.39
N HIS A 25 0.92 -0.73 -19.59
CA HIS A 25 1.25 0.16 -18.46
C HIS A 25 1.02 1.63 -18.85
N ALA A 26 0.75 2.45 -17.84
CA ALA A 26 0.49 3.90 -17.95
C ALA A 26 1.54 4.64 -17.13
N PRO A 27 2.54 5.29 -17.77
CA PRO A 27 3.59 5.97 -17.03
C PRO A 27 2.95 6.96 -16.06
N TYR A 28 3.63 7.12 -14.94
CA TYR A 28 3.20 7.94 -13.81
C TYR A 28 3.16 9.42 -14.21
N ILE A 29 2.09 10.06 -13.76
CA ILE A 29 1.79 11.49 -13.91
C ILE A 29 1.52 11.99 -12.49
N ALA A 30 2.22 13.05 -12.05
CA ALA A 30 2.08 13.61 -10.69
C ALA A 30 0.70 14.25 -10.52
N ASN A 31 0.21 14.30 -9.29
CA ASN A 31 -0.98 15.06 -8.87
C ASN A 31 -2.27 14.47 -9.43
N GLN A 32 -2.31 13.15 -9.61
CA GLN A 32 -3.48 12.40 -10.12
C GLN A 32 -4.06 11.55 -8.99
N GLY A 33 -3.45 11.58 -7.81
CA GLY A 33 -3.99 10.95 -6.59
C GLY A 33 -3.44 9.54 -6.35
N TRP A 34 -2.69 8.98 -7.30
CA TRP A 34 -2.00 7.69 -7.10
C TRP A 34 -0.50 7.93 -7.01
N TYR A 35 0.22 6.92 -6.52
CA TYR A 35 1.65 6.96 -6.16
C TYR A 35 2.36 5.67 -6.57
N ASP A 36 3.64 5.82 -6.90
CA ASP A 36 4.49 4.74 -7.43
C ASP A 36 5.89 4.84 -6.82
N ILE A 37 5.98 4.81 -5.48
CA ILE A 37 7.30 4.65 -4.80
C ILE A 37 8.03 3.49 -5.47
N THR A 38 9.24 3.74 -5.96
CA THR A 38 10.05 2.77 -6.72
C THR A 38 11.35 2.51 -5.96
N LYS A 39 11.67 1.26 -5.66
CA LYS A 39 12.97 0.86 -5.09
C LYS A 39 14.13 1.31 -5.98
N THR A 40 15.27 1.72 -5.41
CA THR A 40 16.57 1.97 -6.11
C THR A 40 17.45 0.72 -6.01
N PHE A 41 17.18 -0.18 -5.08
CA PHE A 41 17.99 -1.42 -4.91
C PHE A 41 19.40 -1.01 -4.45
N ASN A 42 19.46 -0.26 -3.35
CA ASN A 42 20.68 0.42 -2.82
C ASN A 42 21.25 -0.38 -1.63
N GLY A 43 20.79 -1.61 -1.45
CA GLY A 43 21.11 -2.47 -0.31
C GLY A 43 19.99 -2.48 0.71
N LYS A 44 19.37 -1.32 0.93
CA LYS A 44 18.45 -1.08 2.07
C LYS A 44 16.97 -1.30 1.68
N ASP A 45 16.55 -0.93 0.46
CA ASP A 45 15.11 -1.00 0.07
C ASP A 45 14.79 -2.30 -0.70
N ASP A 46 15.78 -3.17 -0.97
CA ASP A 46 15.64 -4.36 -1.85
C ASP A 46 14.44 -5.24 -1.43
N LEU A 47 14.12 -5.35 -0.14
CA LEU A 47 13.05 -6.27 0.36
C LEU A 47 11.97 -5.46 1.05
N LEU A 48 11.87 -4.17 0.75
CA LEU A 48 10.90 -3.27 1.43
C LEU A 48 9.67 -3.00 0.53
N SER A 49 9.20 -3.99 -0.24
CA SER A 49 7.98 -3.91 -1.10
C SER A 49 6.84 -3.42 -0.19
N ALA A 50 6.76 -3.95 1.01
CA ALA A 50 5.65 -3.68 1.94
C ALA A 50 5.74 -2.23 2.40
N ALA A 51 6.95 -1.72 2.60
CA ALA A 51 7.14 -0.36 3.15
C ALA A 51 6.85 0.66 2.04
N ALA A 52 7.25 0.36 0.82
CA ALA A 52 6.94 1.15 -0.40
C ALA A 52 5.43 1.21 -0.59
N THR A 53 4.79 0.04 -0.55
CA THR A 53 3.31 -0.11 -0.68
C THR A 53 2.61 0.70 0.42
N ALA A 54 3.07 0.57 1.67
CA ALA A 54 2.52 1.34 2.80
C ALA A 54 2.75 2.84 2.54
N GLY A 55 3.93 3.20 2.04
CA GLY A 55 4.25 4.59 1.66
C GLY A 55 3.29 5.17 0.64
N ASN A 56 2.98 4.40 -0.39
CA ASN A 56 2.02 4.81 -1.44
C ASN A 56 0.67 5.07 -0.78
N MET A 57 0.26 4.20 0.13
CA MET A 57 -1.07 4.30 0.80
C MET A 57 -1.05 5.53 1.71
N LEU A 58 0.07 5.77 2.40
CA LEU A 58 0.23 6.96 3.28
C LEU A 58 0.26 8.24 2.44
N HIS A 59 0.89 8.23 1.27
CA HIS A 59 0.82 9.41 0.35
C HIS A 59 -0.65 9.72 0.04
N TRP A 60 -1.41 8.70 -0.30
CA TRP A 60 -2.86 8.80 -0.58
C TRP A 60 -3.55 9.36 0.66
N TRP A 61 -3.14 8.89 1.83
CA TRP A 61 -3.72 9.27 3.14
C TRP A 61 -3.46 10.75 3.40
N PHE A 62 -2.24 11.22 3.10
CA PHE A 62 -1.89 12.65 3.24
C PHE A 62 -2.86 13.47 2.37
N ASP A 63 -3.16 13.03 1.15
CA ASP A 63 -4.12 13.78 0.30
C ASP A 63 -5.50 13.77 0.95
N GLN A 64 -5.97 12.63 1.40
CA GLN A 64 -7.35 12.53 1.93
C GLN A 64 -7.48 13.48 3.14
N ASN A 65 -6.40 13.73 3.89
CA ASN A 65 -6.44 14.33 5.24
C ASN A 65 -5.62 15.63 5.26
N LYS A 66 -5.48 16.29 4.12
CA LYS A 66 -4.57 17.46 4.00
C LYS A 66 -4.91 18.47 5.10
N ASN A 67 -6.13 18.99 5.10
CA ASN A 67 -6.57 20.05 6.05
C ASN A 67 -6.46 19.53 7.48
N GLN A 68 -6.93 18.31 7.72
CA GLN A 68 -6.98 17.72 9.07
C GLN A 68 -5.54 17.61 9.58
N ILE A 69 -4.59 17.27 8.71
CA ILE A 69 -3.19 17.08 9.14
C ILE A 69 -2.58 18.45 9.48
N GLU A 70 -2.85 19.50 8.69
CA GLU A 70 -2.26 20.85 8.96
C GLU A 70 -2.88 21.40 10.27
N GLY A 71 -4.18 21.18 10.50
CA GLY A 71 -4.83 21.45 11.80
C GLY A 71 -4.12 20.75 12.95
N TYR A 72 -3.92 19.43 12.83
CA TYR A 72 -3.33 18.56 13.88
C TYR A 72 -1.93 19.04 14.25
N LEU A 73 -1.13 19.38 13.25
CA LEU A 73 0.30 19.75 13.45
C LEU A 73 0.42 21.14 14.08
N THR A 74 -0.61 22.00 13.99
CA THR A 74 -0.60 23.29 14.73
C THR A 74 -0.95 22.99 16.20
N GLU A 75 -2.01 22.18 16.46
CA GLU A 75 -2.46 21.76 17.82
C GLU A 75 -1.35 20.99 18.54
N HIS A 76 -0.51 20.22 17.83
CA HIS A 76 0.54 19.33 18.41
C HIS A 76 1.87 19.45 17.65
N PRO A 77 2.57 20.60 17.69
CA PRO A 77 3.76 20.83 16.88
C PRO A 77 4.96 19.91 17.17
N GLU A 78 4.96 19.23 18.31
CA GLU A 78 6.05 18.30 18.74
C GLU A 78 5.96 17.02 17.90
N LYS A 79 4.80 16.77 17.29
CA LYS A 79 4.53 15.53 16.52
C LYS A 79 5.04 15.69 15.09
N GLN A 80 5.48 16.90 14.70
CA GLN A 80 5.95 17.18 13.32
C GLN A 80 7.20 16.35 13.03
N ALA A 81 8.17 16.36 13.93
CA ALA A 81 9.48 15.70 13.70
C ALA A 81 9.60 14.44 14.58
N ILE A 82 10.48 13.52 14.19
CA ILE A 82 10.92 12.35 14.98
C ILE A 82 12.38 12.57 15.31
N ILE A 83 12.77 12.48 16.59
CA ILE A 83 14.18 12.66 17.03
C ILE A 83 14.64 11.42 17.81
N PHE A 84 15.79 10.80 17.43
CA PHE A 84 16.47 9.70 18.15
C PHE A 84 17.76 10.27 18.78
N ASN A 85 17.68 10.54 20.09
CA ASN A 85 18.75 11.14 20.93
C ASN A 85 18.92 12.61 20.54
N GLY A 86 19.93 12.92 19.73
CA GLY A 86 20.26 14.30 19.35
C GLY A 86 19.66 14.68 18.01
N GLU A 87 19.31 13.67 17.20
CA GLU A 87 19.16 13.79 15.72
C GLU A 87 17.70 13.78 15.28
N GLN A 88 17.28 14.76 14.46
CA GLN A 88 16.00 14.69 13.70
C GLN A 88 16.10 13.57 12.63
N MET A 89 15.30 12.52 12.75
CA MET A 89 15.32 11.37 11.80
C MET A 89 14.31 11.60 10.68
N PHE A 90 13.27 12.40 10.96
CA PHE A 90 12.10 12.56 10.08
C PHE A 90 11.32 13.84 10.40
N ASP A 91 10.78 14.48 9.35
CA ASP A 91 9.87 15.64 9.40
C ASP A 91 8.70 15.35 8.47
N VAL A 92 7.49 15.30 9.00
CA VAL A 92 6.27 14.87 8.27
C VAL A 92 5.95 15.88 7.17
N LYS A 93 6.23 17.16 7.38
CA LYS A 93 5.95 18.21 6.38
C LYS A 93 6.83 17.96 5.15
N GLU A 94 8.07 17.56 5.38
CA GLU A 94 9.08 17.17 4.35
C GLU A 94 8.54 15.96 3.56
N ALA A 95 7.89 15.01 4.24
CA ALA A 95 7.30 13.81 3.60
C ALA A 95 6.19 14.25 2.66
N ILE A 96 5.33 15.16 3.13
CA ILE A 96 4.15 15.67 2.38
C ILE A 96 4.62 16.48 1.16
N SER A 97 5.65 17.31 1.31
CA SER A 97 6.20 18.15 0.21
C SER A 97 6.71 17.28 -0.93
N THR A 98 7.29 16.12 -0.60
CA THR A 98 8.08 15.28 -1.51
C THR A 98 7.27 14.03 -1.90
N LYS A 99 6.00 13.96 -1.53
CA LYS A 99 5.13 12.77 -1.72
C LYS A 99 4.97 12.40 -3.21
N ASP A 100 5.18 13.31 -4.15
CA ASP A 100 4.97 13.06 -5.61
C ASP A 100 6.15 12.31 -6.23
N ARG A 101 7.29 12.20 -5.55
CA ARG A 101 8.51 11.59 -6.11
C ARG A 101 8.42 10.06 -6.05
N GLN A 102 8.73 9.40 -7.16
CA GLN A 102 8.79 7.93 -7.22
C GLN A 102 10.04 7.42 -6.50
N LEU A 103 11.21 8.04 -6.76
CA LEU A 103 12.54 7.51 -6.36
C LEU A 103 13.02 8.13 -5.04
N ASP A 104 12.72 9.39 -4.76
CA ASP A 104 13.39 10.11 -3.65
C ASP A 104 12.38 10.83 -2.77
N SER A 105 11.24 10.23 -2.50
CA SER A 105 10.29 10.75 -1.48
C SER A 105 10.99 10.67 -0.12
N LYS A 106 10.77 11.65 0.73
CA LYS A 106 11.35 11.64 2.10
C LYS A 106 10.72 10.53 2.94
N LEU A 107 9.47 10.17 2.68
CA LEU A 107 8.79 9.09 3.46
C LEU A 107 9.51 7.77 3.19
N PHE A 108 9.73 7.39 1.94
CA PHE A 108 10.36 6.08 1.68
C PHE A 108 11.83 6.15 2.13
N GLU A 109 12.44 7.33 2.07
CA GLU A 109 13.85 7.54 2.47
C GLU A 109 13.97 7.25 3.96
N TYR A 110 13.07 7.81 4.76
CA TYR A 110 12.92 7.51 6.21
C TYR A 110 12.82 6.00 6.43
N PHE A 111 11.92 5.32 5.69
CA PHE A 111 11.69 3.86 5.84
C PHE A 111 12.98 3.09 5.54
N LYS A 112 13.63 3.34 4.41
CA LYS A 112 14.77 2.49 4.00
C LYS A 112 16.03 2.82 4.81
N GLU A 113 16.21 4.08 5.26
CA GLU A 113 17.48 4.58 5.87
C GLU A 113 17.43 4.54 7.41
N LYS A 114 16.31 4.92 8.02
CA LYS A 114 16.17 5.09 9.49
C LYS A 114 15.28 4.01 10.12
N ALA A 115 14.10 3.72 9.58
CA ALA A 115 13.10 2.86 10.27
C ALA A 115 13.49 1.37 10.14
N PHE A 116 13.89 0.92 8.95
CA PHE A 116 14.12 -0.50 8.64
C PHE A 116 15.43 -0.70 7.90
N PRO A 117 16.52 0.04 8.22
CA PRO A 117 17.74 0.00 7.42
C PRO A 117 18.42 -1.37 7.27
N THR A 118 18.22 -2.29 8.22
CA THR A 118 18.92 -3.60 8.28
C THR A 118 18.07 -4.74 7.72
N LEU A 119 16.76 -4.55 7.51
CA LEU A 119 15.84 -5.70 7.26
C LEU A 119 16.21 -6.42 5.95
N SER A 120 16.54 -5.68 4.89
CA SER A 120 16.96 -6.25 3.57
C SER A 120 18.22 -7.10 3.73
N ALA A 121 19.25 -6.58 4.41
CA ALA A 121 20.52 -7.30 4.68
C ALA A 121 20.22 -8.59 5.47
N ARG A 122 19.18 -8.59 6.30
CA ARG A 122 18.81 -9.73 7.17
C ARG A 122 17.77 -10.63 6.48
N ARG A 123 17.61 -10.52 5.15
CA ARG A 123 16.67 -11.32 4.30
C ARG A 123 15.24 -11.26 4.87
N ARG A 124 14.85 -10.11 5.41
CA ARG A 124 13.57 -9.92 6.13
C ARG A 124 12.80 -8.73 5.54
N GLY A 125 11.47 -8.79 5.59
CA GLY A 125 10.56 -7.69 5.20
C GLY A 125 9.52 -7.40 6.27
N VAL A 126 8.46 -6.70 5.89
CA VAL A 126 7.40 -6.21 6.82
C VAL A 126 6.02 -6.43 6.19
N PHE A 127 4.97 -6.15 6.95
CA PHE A 127 3.58 -6.17 6.44
C PHE A 127 3.18 -4.71 6.30
N PRO A 128 2.46 -4.33 5.23
CA PRO A 128 2.14 -2.93 4.99
C PRO A 128 1.20 -2.36 6.06
N ASP A 129 0.29 -3.16 6.60
CA ASP A 129 -0.60 -2.69 7.69
C ASP A 129 0.23 -2.39 8.95
N HIS A 130 1.23 -3.22 9.26
CA HIS A 130 2.13 -2.95 10.42
C HIS A 130 2.85 -1.61 10.23
N VAL A 131 3.31 -1.32 9.01
CA VAL A 131 4.07 -0.06 8.79
C VAL A 131 3.14 1.12 9.03
N ILE A 132 1.93 1.07 8.48
CA ILE A 132 0.96 2.17 8.65
C ILE A 132 0.58 2.32 10.13
N ASP A 133 0.27 1.19 10.81
CA ASP A 133 -0.16 1.15 12.24
C ASP A 133 0.94 1.71 13.14
N MET A 134 2.22 1.50 12.76
CA MET A 134 3.38 2.15 13.39
C MET A 134 3.39 3.65 13.11
N PHE A 135 3.28 4.03 11.84
CA PHE A 135 3.53 5.43 11.39
C PHE A 135 2.45 6.34 11.96
N ILE A 136 1.20 5.88 11.93
CA ILE A 136 0.03 6.71 12.30
C ILE A 136 -0.19 6.58 13.81
N ASN A 137 -0.51 5.36 14.28
CA ASN A 137 -1.01 5.14 15.66
C ASN A 137 0.17 4.98 16.62
N GLY A 138 1.36 4.59 16.14
CA GLY A 138 2.54 4.38 17.01
C GLY A 138 2.62 2.95 17.53
N TYR A 139 1.76 2.05 17.03
CA TYR A 139 1.86 0.61 17.35
C TYR A 139 3.27 0.10 17.05
N ARG A 140 3.87 -0.61 18.00
CA ARG A 140 5.24 -1.17 17.89
C ARG A 140 5.23 -2.18 16.74
N LEU A 141 6.16 -2.05 15.79
CA LEU A 141 6.28 -3.04 14.70
C LEU A 141 7.27 -4.11 15.17
N SER A 142 6.78 -5.32 15.45
CA SER A 142 7.61 -6.46 15.89
C SER A 142 7.95 -7.33 14.69
N LEU A 143 9.20 -7.76 14.59
CA LEU A 143 9.65 -8.73 13.56
C LEU A 143 9.09 -10.13 13.85
N ASP A 144 8.47 -10.37 15.01
CA ASP A 144 7.90 -11.70 15.41
C ASP A 144 6.41 -11.79 15.05
N ASN A 145 5.74 -10.68 14.71
CA ASN A 145 4.26 -10.68 14.48
C ASN A 145 3.95 -10.84 12.99
N TYR A 146 3.31 -11.93 12.62
CA TYR A 146 2.90 -12.26 11.23
C TYR A 146 1.37 -12.16 11.09
N ASP A 147 0.68 -11.82 12.17
CA ASP A 147 -0.79 -11.59 12.21
C ASP A 147 -1.03 -10.08 12.28
N LYS A 148 -2.28 -9.68 12.45
CA LYS A 148 -2.74 -8.28 12.67
C LYS A 148 -1.96 -7.67 13.84
N THR A 149 -1.90 -6.34 13.84
CA THR A 149 -1.45 -5.54 14.98
C THR A 149 -2.34 -5.88 16.18
N PRO A 150 -1.74 -6.23 17.34
CA PRO A 150 -2.50 -6.36 18.58
C PRO A 150 -3.05 -4.99 19.01
N VAL A 151 -4.38 -4.87 19.09
CA VAL A 151 -5.08 -3.63 19.48
C VAL A 151 -5.11 -3.56 21.01
N LYS A 152 -4.05 -2.99 21.59
CA LYS A 152 -3.84 -2.89 23.06
C LYS A 152 -2.92 -1.69 23.33
N GLU A 153 -3.13 -1.06 24.50
CA GLU A 153 -2.30 0.08 24.95
C GLU A 153 -0.87 -0.43 25.01
N GLY A 154 0.10 0.49 24.96
CA GLY A 154 1.52 0.14 24.79
C GLY A 154 2.28 1.41 24.52
N ASN A 155 3.60 1.30 24.53
CA ASN A 155 4.51 2.44 24.26
C ASN A 155 4.47 2.74 22.75
N LYS A 156 4.43 4.03 22.43
CA LYS A 156 4.63 4.55 21.07
C LYS A 156 5.91 3.94 20.49
N ASP A 157 5.85 3.32 19.30
CA ASP A 157 7.06 2.96 18.53
C ASP A 157 7.80 4.26 18.28
N LEU A 158 9.10 4.30 18.58
CA LEU A 158 9.93 5.53 18.45
C LEU A 158 9.98 5.97 16.98
N ARG A 159 9.75 5.04 16.06
CA ARG A 159 9.87 5.30 14.60
C ARG A 159 8.60 6.00 14.11
N GLY A 160 7.54 6.07 14.92
CA GLY A 160 6.27 6.64 14.44
C GLY A 160 5.41 7.26 15.51
N GLY A 161 4.09 7.06 15.39
CA GLY A 161 3.10 7.66 16.27
C GLY A 161 2.87 9.14 15.99
N ILE A 162 3.18 9.61 14.79
CA ILE A 162 2.95 11.04 14.40
C ILE A 162 1.53 11.47 14.76
N PHE A 163 0.50 10.68 14.44
CA PHE A 163 -0.92 11.10 14.62
C PHE A 163 -1.53 10.40 15.84
N ASP A 164 -0.72 10.05 16.84
CA ASP A 164 -1.20 9.19 17.96
C ASP A 164 -1.99 10.00 18.99
N GLN A 165 -2.02 11.33 18.85
CA GLN A 165 -2.87 12.24 19.68
C GLN A 165 -4.32 12.19 19.18
N VAL A 166 -4.60 11.52 18.07
CA VAL A 166 -5.98 11.30 17.54
C VAL A 166 -6.22 9.80 17.35
N PHE A 167 -5.28 9.12 16.68
CA PHE A 167 -5.32 7.67 16.35
C PHE A 167 -4.46 6.96 17.38
N THR A 168 -5.07 6.64 18.53
CA THR A 168 -4.41 6.12 19.76
C THR A 168 -4.16 4.61 19.61
N ARG A 169 -3.42 4.02 20.54
CA ARG A 169 -3.22 2.55 20.62
C ARG A 169 -4.24 1.97 21.60
N GLY A 170 -4.76 0.78 21.32
CA GLY A 170 -5.66 0.02 22.20
C GLY A 170 -7.13 0.41 22.05
N ASP A 171 -7.47 1.21 21.05
CA ASP A 171 -8.88 1.59 20.71
C ASP A 171 -9.21 1.10 19.29
N GLN A 172 -10.14 0.16 19.16
CA GLN A 172 -10.44 -0.55 17.89
C GLN A 172 -10.93 0.45 16.84
N SER A 173 -11.78 1.39 17.27
CA SER A 173 -12.38 2.43 16.39
C SER A 173 -11.31 3.37 15.79
N LYS A 174 -10.08 3.41 16.32
CA LYS A 174 -9.00 4.34 15.86
C LYS A 174 -7.99 3.58 15.00
N LEU A 175 -8.21 2.29 14.78
CA LEU A 175 -7.38 1.43 13.91
C LEU A 175 -7.87 1.61 12.48
N LEU A 176 -6.98 2.04 11.58
CA LEU A 176 -7.37 2.48 10.20
C LEU A 176 -7.12 1.35 9.19
N THR A 177 -6.41 0.31 9.61
CA THR A 177 -5.92 -0.76 8.70
C THR A 177 -6.74 -2.02 8.87
N ASN A 178 -6.67 -2.91 7.89
CA ASN A 178 -7.30 -4.23 7.95
C ASN A 178 -6.58 -5.11 6.93
N ARG A 179 -6.70 -6.43 7.09
CA ARG A 179 -6.05 -7.38 6.19
C ARG A 179 -7.00 -8.56 6.03
N TYR A 180 -6.93 -9.22 4.89
CA TYR A 180 -7.88 -10.29 4.50
C TYR A 180 -7.09 -11.37 3.78
N ASN A 181 -7.35 -12.62 4.14
CA ASN A 181 -6.77 -13.76 3.38
C ASN A 181 -7.56 -13.94 2.09
N LEU A 182 -6.87 -13.97 0.95
CA LEU A 182 -7.47 -14.29 -0.37
C LEU A 182 -7.19 -15.76 -0.78
N ARG A 183 -6.26 -16.43 -0.11
CA ARG A 183 -5.81 -17.79 -0.50
C ARG A 183 -7.00 -18.75 -0.39
N THR A 184 -7.31 -19.45 -1.46
CA THR A 184 -8.36 -20.49 -1.60
C THR A 184 -9.76 -19.85 -1.69
N LYS A 185 -9.86 -18.53 -1.69
CA LYS A 185 -11.18 -17.86 -1.87
C LYS A 185 -11.60 -17.94 -3.33
N THR A 186 -12.90 -17.93 -3.58
CA THR A 186 -13.49 -17.92 -4.94
C THR A 186 -13.35 -16.53 -5.57
N ILE A 187 -13.37 -16.51 -6.90
CA ILE A 187 -13.37 -15.24 -7.67
C ILE A 187 -14.50 -14.37 -7.12
N ASN A 188 -15.66 -14.95 -6.81
CA ASN A 188 -16.81 -14.12 -6.35
C ASN A 188 -16.50 -13.50 -4.97
N GLU A 189 -15.93 -14.24 -4.04
CA GLU A 189 -15.60 -13.74 -2.68
C GLU A 189 -14.56 -12.62 -2.82
N ILE A 190 -13.50 -12.84 -3.61
CA ILE A 190 -12.41 -11.84 -3.75
C ILE A 190 -13.01 -10.59 -4.41
N SER A 191 -13.80 -10.77 -5.46
CA SER A 191 -14.40 -9.64 -6.22
C SER A 191 -15.28 -8.78 -5.31
N GLN A 192 -16.16 -9.41 -4.51
CA GLN A 192 -17.10 -8.64 -3.65
C GLN A 192 -16.28 -7.89 -2.61
N LEU A 193 -15.24 -8.51 -2.03
CA LEU A 193 -14.40 -7.84 -1.00
C LEU A 193 -13.76 -6.58 -1.60
N ILE A 194 -13.11 -6.71 -2.75
CA ILE A 194 -12.37 -5.60 -3.41
C ILE A 194 -13.39 -4.51 -3.79
N LYS A 195 -14.53 -4.89 -4.36
CA LYS A 195 -15.64 -3.95 -4.71
C LYS A 195 -15.99 -3.16 -3.44
N GLN A 196 -16.32 -3.87 -2.38
CA GLN A 196 -16.84 -3.27 -1.13
C GLN A 196 -15.80 -2.28 -0.61
N GLU A 197 -14.52 -2.66 -0.61
CA GLU A 197 -13.49 -1.84 0.08
C GLU A 197 -13.22 -0.58 -0.76
N LEU A 198 -13.33 -0.68 -2.09
CA LEU A 198 -13.16 0.47 -3.01
C LEU A 198 -14.37 1.40 -2.86
N ILE A 199 -15.59 0.87 -2.87
CA ILE A 199 -16.75 1.80 -2.77
C ILE A 199 -16.76 2.40 -1.36
N ALA A 200 -16.18 1.72 -0.36
CA ALA A 200 -16.11 2.25 1.02
C ALA A 200 -15.11 3.40 1.11
N GLY A 201 -14.31 3.64 0.07
CA GLY A 201 -13.35 4.77 0.08
C GLY A 201 -12.03 4.42 0.73
N LYS A 202 -11.64 3.14 0.69
CA LYS A 202 -10.35 2.68 1.25
C LYS A 202 -9.27 2.67 0.16
N ALA A 203 -8.00 2.81 0.55
CA ALA A 203 -6.84 2.45 -0.28
C ALA A 203 -6.58 0.96 -0.10
N LEU A 204 -6.15 0.28 -1.16
CA LEU A 204 -5.97 -1.20 -1.21
C LEU A 204 -4.54 -1.54 -1.68
N ALA A 205 -4.01 -2.62 -1.09
CA ALA A 205 -2.79 -3.31 -1.51
C ALA A 205 -3.17 -4.77 -1.63
N ILE A 206 -2.53 -5.48 -2.55
CA ILE A 206 -2.76 -6.93 -2.76
C ILE A 206 -1.39 -7.63 -2.82
N SER A 207 -1.31 -8.79 -2.19
CA SER A 207 -0.11 -9.64 -2.20
C SER A 207 -0.41 -10.83 -3.10
N HIS A 208 0.61 -11.32 -3.78
CA HIS A 208 0.55 -12.44 -4.72
C HIS A 208 1.86 -13.21 -4.60
N THR A 209 1.89 -14.44 -5.12
CA THR A 209 3.11 -15.29 -5.16
C THR A 209 4.13 -14.62 -6.08
N TYR A 210 5.41 -14.78 -5.76
CA TYR A 210 6.56 -14.22 -6.49
C TYR A 210 7.57 -15.35 -6.75
N ASN A 211 7.94 -15.54 -8.02
CA ASN A 211 8.84 -16.64 -8.49
C ASN A 211 10.28 -16.11 -8.52
N ASN A 212 10.62 -15.24 -7.56
CA ASN A 212 11.91 -14.52 -7.45
C ASN A 212 12.14 -14.19 -5.96
N ILE A 213 12.48 -12.93 -5.65
CA ILE A 213 13.24 -12.45 -4.45
C ILE A 213 12.78 -13.19 -3.19
N GLY A 214 11.53 -12.96 -2.75
CA GLY A 214 10.90 -13.67 -1.61
C GLY A 214 10.03 -14.82 -2.11
N ILE A 215 8.86 -15.00 -1.51
CA ILE A 215 7.83 -15.98 -1.98
C ILE A 215 6.51 -15.22 -2.24
N SER A 216 6.35 -14.07 -1.59
CA SER A 216 5.19 -13.16 -1.77
C SER A 216 5.69 -11.75 -2.06
N HIS A 217 4.86 -11.00 -2.76
CA HIS A 217 5.12 -9.62 -3.20
C HIS A 217 3.83 -8.87 -2.92
N VAL A 218 3.90 -7.65 -2.41
CA VAL A 218 2.72 -6.77 -2.20
CA VAL A 218 2.70 -6.81 -2.23
C VAL A 218 2.83 -5.58 -3.14
N ILE A 219 1.71 -5.18 -3.72
CA ILE A 219 1.63 -4.02 -4.65
C ILE A 219 0.40 -3.21 -4.30
N ASN A 220 0.30 -1.98 -4.80
CA ASN A 220 -0.88 -1.11 -4.60
C ASN A 220 -1.93 -1.45 -5.67
N LEU A 221 -3.17 -1.58 -5.25
CA LEU A 221 -4.32 -1.82 -6.14
C LEU A 221 -5.15 -0.54 -6.13
N TRP A 222 -5.09 0.20 -7.23
CA TRP A 222 -5.72 1.54 -7.40
C TRP A 222 -7.09 1.43 -8.06
N GLY A 223 -7.31 0.45 -8.95
CA GLY A 223 -8.58 0.30 -9.68
C GLY A 223 -8.86 -1.12 -10.06
N ALA A 224 -10.13 -1.43 -10.35
CA ALA A 224 -10.60 -2.75 -10.78
C ALA A 224 -11.69 -2.66 -11.86
N ASP A 225 -11.64 -3.61 -12.79
CA ASP A 225 -12.65 -3.82 -13.84
C ASP A 225 -13.36 -5.11 -13.46
N PHE A 226 -14.69 -5.05 -13.48
CA PHE A 226 -15.64 -6.11 -13.08
C PHE A 226 -16.50 -6.43 -14.30
N ASN A 227 -16.69 -7.70 -14.60
CA ASN A 227 -17.41 -8.19 -15.80
C ASN A 227 -18.93 -8.16 -15.54
N SER A 228 -19.70 -8.66 -16.52
CA SER A 228 -21.19 -8.79 -16.53
C SER A 228 -21.67 -9.54 -15.28
N GLU A 229 -20.91 -10.54 -14.83
CA GLU A 229 -21.25 -11.38 -13.64
C GLU A 229 -20.80 -10.72 -12.32
N GLY A 230 -20.22 -9.51 -12.32
CA GLY A 230 -19.75 -8.86 -11.07
C GLY A 230 -18.39 -9.36 -10.58
N ASN A 231 -17.64 -10.10 -11.40
CA ASN A 231 -16.31 -10.67 -11.04
C ASN A 231 -15.19 -9.80 -11.61
N LEU A 232 -14.09 -9.71 -10.88
CA LEU A 232 -12.87 -9.06 -11.35
C LEU A 232 -12.40 -9.72 -12.64
N GLU A 233 -12.03 -8.86 -13.57
CA GLU A 233 -11.53 -9.08 -14.94
C GLU A 233 -10.08 -8.55 -14.96
N ALA A 234 -9.84 -7.40 -14.34
CA ALA A 234 -8.52 -6.73 -14.33
C ALA A 234 -8.38 -5.87 -13.08
N ILE A 235 -7.16 -5.64 -12.65
CA ILE A 235 -6.82 -4.62 -11.64
C ILE A 235 -5.68 -3.73 -12.18
N TYR A 236 -5.59 -2.52 -11.65
CA TYR A 236 -4.62 -1.47 -12.02
C TYR A 236 -3.76 -1.23 -10.79
N VAL A 237 -2.45 -1.44 -10.91
CA VAL A 237 -1.54 -1.56 -9.73
C VAL A 237 -0.28 -0.75 -9.94
N THR A 238 0.39 -0.37 -8.85
CA THR A 238 1.78 0.11 -8.91
C THR A 238 2.60 -0.85 -8.09
N ASP A 239 3.82 -1.05 -8.53
CA ASP A 239 4.73 -2.12 -8.07
C ASP A 239 6.07 -1.45 -7.82
N SER A 240 6.53 -1.47 -6.58
CA SER A 240 7.81 -0.84 -6.16
C SER A 240 8.99 -1.50 -6.89
N ASP A 241 8.85 -2.76 -7.35
CA ASP A 241 9.92 -3.48 -8.09
C ASP A 241 10.03 -3.03 -9.55
N SER A 242 9.03 -2.36 -10.07
CA SER A 242 9.00 -1.87 -11.47
C SER A 242 9.71 -0.52 -11.52
N ASN A 243 10.62 -0.34 -12.48
CA ASN A 243 11.37 0.93 -12.62
C ASN A 243 10.35 2.08 -12.82
N ALA A 244 10.78 3.30 -12.49
CA ALA A 244 9.98 4.54 -12.45
C ALA A 244 9.26 4.84 -13.77
N SER A 245 9.73 4.30 -14.90
CA SER A 245 9.15 4.58 -16.24
C SER A 245 7.88 3.75 -16.49
N ILE A 246 7.64 2.70 -15.71
CA ILE A 246 6.49 1.79 -15.95
C ILE A 246 5.19 2.44 -15.45
N GLY A 247 5.12 2.77 -14.18
CA GLY A 247 3.94 3.35 -13.51
C GLY A 247 2.85 2.31 -13.32
N MET A 248 1.62 2.65 -13.73
CA MET A 248 0.42 1.86 -13.44
C MET A 248 0.38 0.70 -14.43
N LYS A 249 0.28 -0.53 -13.94
CA LYS A 249 0.18 -1.75 -14.75
C LYS A 249 -1.24 -2.30 -14.66
N LYS A 250 -1.68 -2.85 -15.77
CA LYS A 250 -2.96 -3.58 -15.90
C LYS A 250 -2.62 -5.07 -15.74
N TYR A 251 -3.24 -5.70 -14.75
CA TYR A 251 -3.21 -7.18 -14.57
C TYR A 251 -4.62 -7.72 -14.85
N TYR A 252 -4.68 -8.77 -15.66
CA TYR A 252 -5.86 -9.65 -15.77
C TYR A 252 -6.00 -10.42 -14.47
N VAL A 253 -7.23 -10.66 -14.09
CA VAL A 253 -7.63 -11.47 -12.92
C VAL A 253 -8.46 -12.61 -13.45
N GLY A 254 -8.16 -13.84 -13.09
CA GLY A 254 -9.04 -15.00 -13.37
C GLY A 254 -8.73 -16.19 -12.48
N VAL A 255 -9.50 -17.25 -12.63
CA VAL A 255 -9.23 -18.56 -11.98
C VAL A 255 -8.32 -19.35 -12.93
N ASN A 256 -7.12 -19.71 -12.49
CA ASN A 256 -6.16 -20.44 -13.37
C ASN A 256 -6.52 -21.93 -13.36
N SER A 257 -5.80 -22.73 -14.14
CA SER A 257 -5.79 -24.21 -14.25
C SER A 257 -5.69 -24.90 -12.91
N ALA A 258 -5.07 -24.26 -11.91
CA ALA A 258 -4.85 -24.87 -10.59
C ALA A 258 -5.99 -24.50 -9.63
N GLY A 259 -7.03 -23.82 -10.12
CA GLY A 259 -8.17 -23.36 -9.31
C GLY A 259 -7.85 -22.17 -8.42
N GLU A 260 -6.79 -21.43 -8.71
CA GLU A 260 -6.42 -20.24 -7.90
C GLU A 260 -6.96 -19.01 -8.62
N VAL A 261 -7.52 -18.09 -7.87
CA VAL A 261 -7.70 -16.70 -8.38
C VAL A 261 -6.29 -16.11 -8.49
N ALA A 262 -5.89 -15.74 -9.70
CA ALA A 262 -4.49 -15.35 -9.99
C ALA A 262 -4.50 -13.99 -10.68
N VAL A 263 -3.38 -13.29 -10.60
CA VAL A 263 -3.15 -12.03 -11.36
C VAL A 263 -1.99 -12.26 -12.35
N SER A 264 -2.07 -11.61 -13.49
CA SER A 264 -1.07 -11.75 -14.56
C SER A 264 -1.08 -10.50 -15.43
N SER A 265 0.09 -10.10 -15.91
CA SER A 265 0.20 -9.04 -16.93
C SER A 265 -0.37 -9.54 -18.24
N LYS A 266 -0.63 -10.85 -18.33
CA LYS A 266 -1.22 -11.50 -19.54
C LYS A 266 -2.49 -12.23 -19.13
N LYS A 267 -3.42 -12.38 -20.06
CA LYS A 267 -4.72 -13.03 -19.80
C LYS A 267 -4.46 -14.43 -19.23
N ILE A 268 -5.22 -14.83 -18.21
CA ILE A 268 -5.18 -16.20 -17.64
C ILE A 268 -5.72 -17.19 -18.68
N ASP A 269 -5.01 -18.29 -18.81
CA ASP A 269 -4.89 -19.16 -20.00
C ASP A 269 -4.39 -20.54 -19.58
N SER A 270 -4.48 -21.51 -20.48
CA SER A 270 -3.82 -22.83 -20.33
C SER A 270 -2.29 -22.66 -20.30
N GLU A 271 -1.78 -21.58 -20.90
CA GLU A 271 -0.32 -21.32 -21.00
C GLU A 271 0.14 -20.25 -19.99
N HIS A 272 -0.76 -19.64 -19.24
CA HIS A 272 -0.46 -18.47 -18.35
C HIS A 272 -1.26 -18.63 -17.06
N LEU A 273 -0.63 -19.08 -15.99
CA LEU A 273 -1.37 -19.31 -14.72
C LEU A 273 -1.26 -18.09 -13.83
N GLY A 274 -0.47 -17.10 -14.20
CA GLY A 274 -0.29 -15.88 -13.40
C GLY A 274 0.22 -16.22 -12.02
N ALA A 275 0.06 -15.29 -11.08
CA ALA A 275 0.45 -15.39 -9.66
C ALA A 275 -0.81 -15.41 -8.80
N ALA A 276 -0.91 -16.40 -7.91
CA ALA A 276 -2.01 -16.57 -6.95
C ALA A 276 -2.13 -15.36 -6.04
N ALA A 277 -3.34 -14.89 -5.85
CA ALA A 277 -3.68 -13.78 -4.93
C ALA A 277 -3.59 -14.35 -3.52
N LEU A 278 -2.92 -13.64 -2.61
CA LEU A 278 -2.65 -14.16 -1.25
C LEU A 278 -3.40 -13.33 -0.23
N GLY A 279 -3.29 -12.00 -0.28
CA GLY A 279 -3.84 -11.13 0.75
C GLY A 279 -4.24 -9.76 0.23
N LEU A 280 -5.14 -9.12 0.95
CA LEU A 280 -5.62 -7.76 0.71
C LEU A 280 -5.42 -6.97 1.99
N TYR A 281 -4.91 -5.76 1.87
CA TYR A 281 -4.69 -4.80 2.97
C TYR A 281 -5.44 -3.54 2.60
N THR A 282 -6.07 -2.91 3.59
CA THR A 282 -6.85 -1.68 3.34
C THR A 282 -6.44 -0.62 4.35
N LEU A 283 -6.60 0.63 3.94
CA LEU A 283 -6.37 1.81 4.78
C LEU A 283 -7.59 2.69 4.64
N SER A 284 -8.20 3.05 5.76
CA SER A 284 -9.27 4.06 5.87
C SER A 284 -8.62 5.43 6.01
N ALA A 285 -9.26 6.47 5.47
CA ALA A 285 -8.85 7.89 5.66
C ALA A 285 -9.07 8.32 7.11
N GLY A 286 -10.00 7.66 7.81
CA GLY A 286 -10.33 7.93 9.23
C GLY A 286 -10.96 9.30 9.40
N GLN A 287 -11.87 9.69 8.51
CA GLN A 287 -12.36 11.10 8.45
C GLN A 287 -13.39 11.32 9.56
N GLY A 288 -14.15 10.29 9.97
CA GLY A 288 -15.00 10.30 11.17
C GLY A 288 -14.26 10.81 12.41
N ILE A 289 -13.00 10.44 12.56
CA ILE A 289 -12.23 10.38 13.83
C ILE A 289 -11.53 11.71 14.15
N TRP A 290 -11.18 12.54 13.18
CA TRP A 290 -10.46 13.81 13.49
C TRP A 290 -11.40 14.73 14.29
N HIS A 291 -10.87 15.45 15.28
CA HIS A 291 -11.63 16.33 16.22
C HIS A 291 -12.41 15.47 17.22
#